data_5LLA
#
_entry.id   5LLA
#
_cell.length_a   56.023
_cell.length_b   57.276
_cell.length_c   159.284
_cell.angle_alpha   90.000
_cell.angle_beta   90.000
_cell.angle_gamma   90.000
#
_symmetry.space_group_name_H-M   'P 21 21 21'
#
loop_
_entity.id
_entity.type
_entity.pdbx_description
1 polymer 'Carbonic anhydrase 13'
2 non-polymer 'ZINC ION'
3 non-polymer 4-[2-(benzimidazol-1-yl)ethanoyl]-2-chloranyl-benzenesulfonamide
4 non-polymer 'CITRIC ACID'
5 non-polymer 1,2-ETHANEDIOL
6 water water
#
_entity_poly.entity_id   1
_entity_poly.type   'polypeptide(L)'
_entity_poly.pdbx_seq_one_letter_code
;MMSRLSWGYREHNGPIHWKEFFPIADGDQQSPIEIKTKEVKYDSSLRPLSIKYDPSSAKIISNSGHSFNVDFDDTENKSV
LRGGPLTGSYRLRQVHLHWGSADDHGSEHIVDGVSYAAELHVVHWNSDKYPSFVEAAHEPDGLAVLGVFLQIGEPNSQLQ
KITDTLDSIKEKGKQTRFTNFDLLSLLPPSWDYWTYPGSLTVPPLLESVTWIVLKQPINISSQQLAKFRSLLCTAEGEAA
AFLVSNHRPPQPLKGRKVRASFH
;
_entity_poly.pdbx_strand_id   B,A
#
# COMPACT_ATOMS: atom_id res chain seq x y z
N SER A 6 -14.27 36.31 10.05
CA SER A 6 -13.63 35.02 10.43
C SER A 6 -12.46 34.85 9.48
N TRP A 7 -11.70 33.78 9.66
CA TRP A 7 -10.48 33.60 8.85
C TRP A 7 -10.63 33.28 7.38
N GLY A 8 -9.58 33.55 6.57
CA GLY A 8 -9.64 33.24 5.15
C GLY A 8 -8.29 33.45 4.51
N TYR A 9 -8.25 33.84 3.23
CA TYR A 9 -7.02 34.08 2.55
C TYR A 9 -6.99 35.45 1.86
N ARG A 10 -7.94 36.31 2.28
CA ARG A 10 -8.01 37.67 1.70
C ARG A 10 -7.10 38.57 2.51
N GLU A 11 -7.04 39.86 2.15
CA GLU A 11 -6.04 40.74 2.77
C GLU A 11 -6.10 40.88 4.31
N HIS A 12 -7.31 41.05 4.80
CA HIS A 12 -7.64 41.35 6.20
C HIS A 12 -7.70 40.13 7.07
N ASN A 13 -7.90 38.96 6.45
CA ASN A 13 -8.15 37.77 7.24
C ASN A 13 -7.17 36.65 6.88
N GLY A 14 -6.17 36.96 6.07
CA GLY A 14 -5.26 35.92 5.49
C GLY A 14 -4.18 35.44 6.43
N PRO A 15 -3.38 34.47 5.98
CA PRO A 15 -2.32 33.82 6.77
C PRO A 15 -1.51 34.77 7.67
N ILE A 16 -1.07 35.94 7.19
CA ILE A 16 -0.31 36.87 8.05
C ILE A 16 -1.10 37.33 9.29
N HIS A 17 -2.42 37.29 9.23
CA HIS A 17 -3.25 37.67 10.37
C HIS A 17 -3.73 36.55 11.23
N TRP A 18 -3.54 35.30 10.82
CA TRP A 18 -4.06 34.26 11.67
C TRP A 18 -3.52 34.25 13.10
N LYS A 19 -2.25 34.65 13.31
CA LYS A 19 -1.55 34.69 14.65
C LYS A 19 -2.16 35.65 15.63
N GLU A 20 -2.82 36.67 15.09
CA GLU A 20 -3.60 37.62 15.87
C GLU A 20 -4.73 36.92 16.61
N PHE A 21 -5.34 35.91 15.98
CA PHE A 21 -6.49 35.22 16.61
C PHE A 21 -6.44 33.69 16.89
N PHE A 22 -5.41 33.02 16.37
CA PHE A 22 -5.04 31.67 16.77
C PHE A 22 -3.56 31.70 17.09
N PRO A 23 -3.19 31.98 18.37
CA PRO A 23 -1.80 32.21 18.76
C PRO A 23 -0.82 31.07 18.43
N ILE A 24 -1.37 29.85 18.31
CA ILE A 24 -0.48 28.73 18.01
C ILE A 24 0.04 28.91 16.58
N ALA A 25 -0.51 29.87 15.83
CA ALA A 25 0.07 30.19 14.48
C ALA A 25 1.55 30.46 14.53
N ASP A 26 2.05 30.96 15.69
CA ASP A 26 3.42 31.20 15.96
C ASP A 26 4.09 30.13 16.84
N GLY A 27 3.53 28.94 16.83
CA GLY A 27 4.10 27.82 17.58
C GLY A 27 5.38 27.22 16.99
N ASP A 28 5.85 26.20 17.69
CA ASP A 28 7.06 25.57 17.38
C ASP A 28 7.00 24.46 16.33
N GLN A 29 5.77 24.01 16.03
CA GLN A 29 5.61 22.87 15.10
C GLN A 29 4.55 23.15 14.00
N GLN A 30 4.76 24.34 13.38
CA GLN A 30 3.81 24.81 12.35
C GLN A 30 4.20 24.34 10.94
N SER A 31 3.14 24.17 10.17
CA SER A 31 3.26 23.74 8.78
C SER A 31 2.57 24.78 7.86
N PRO A 32 2.97 24.79 6.57
CA PRO A 32 3.97 23.96 5.89
C PRO A 32 5.33 24.48 6.12
N ILE A 33 6.31 23.88 5.45
CA ILE A 33 7.73 24.24 5.64
C ILE A 33 8.40 24.24 4.31
N GLU A 34 9.60 24.81 4.30
CA GLU A 34 10.55 24.60 3.22
C GLU A 34 11.26 23.24 3.41
N ILE A 35 11.25 22.40 2.36
CA ILE A 35 12.01 21.16 2.37
C ILE A 35 13.32 21.36 1.57
N LYS A 36 14.44 21.34 2.30
CA LYS A 36 15.76 21.51 1.76
C LYS A 36 16.37 20.13 1.69
N THR A 37 16.47 19.61 0.47
CA THR A 37 16.79 18.16 0.30
C THR A 37 18.20 17.80 0.85
N LYS A 38 19.13 18.74 0.84
CA LYS A 38 20.48 18.54 1.46
C LYS A 38 20.53 18.54 2.99
N GLU A 39 19.49 19.04 3.65
CA GLU A 39 19.41 19.06 5.09
C GLU A 39 18.57 17.94 5.65
N VAL A 40 17.86 17.25 4.75
CA VAL A 40 16.99 16.21 5.26
C VAL A 40 17.87 15.03 5.68
N LYS A 41 17.44 14.33 6.72
CA LYS A 41 18.14 13.15 7.18
C LYS A 41 17.51 11.86 6.63
N TYR A 42 18.25 11.08 5.83
CA TYR A 42 17.80 9.74 5.55
C TYR A 42 17.67 8.89 6.81
N ASP A 43 16.53 8.21 6.94
CA ASP A 43 16.29 7.43 8.11
C ASP A 43 15.89 6.01 7.69
N SER A 44 16.83 5.04 7.91
CA SER A 44 16.59 3.64 7.52
C SER A 44 15.50 2.97 8.35
N SER A 45 15.08 3.55 9.49
CA SER A 45 14.00 3.02 10.30
C SER A 45 12.56 3.34 9.70
N LEU A 46 12.48 4.33 8.80
CA LEU A 46 11.20 4.63 8.18
C LEU A 46 10.77 3.48 7.28
N ARG A 47 9.48 3.32 7.19
CA ARG A 47 8.93 2.21 6.45
C ARG A 47 8.31 2.70 5.13
N PRO A 48 8.22 1.82 4.14
CA PRO A 48 7.35 2.22 2.97
C PRO A 48 5.93 2.50 3.41
N LEU A 49 5.22 3.32 2.64
CA LEU A 49 3.83 3.55 3.03
C LEU A 49 3.03 2.30 2.68
N SER A 50 2.07 1.97 3.58
CA SER A 50 1.12 0.91 3.38
C SER A 50 -0.29 1.55 3.22
N ILE A 51 -0.79 1.54 1.98
CA ILE A 51 -1.95 2.40 1.61
C ILE A 51 -3.09 1.54 1.14
N LYS A 52 -4.25 1.68 1.76
CA LYS A 52 -5.44 1.06 1.36
C LYS A 52 -6.57 2.05 1.29
N TYR A 53 -7.06 2.31 0.05
CA TYR A 53 -8.11 3.33 -0.12
C TYR A 53 -9.21 2.69 -0.96
N ASP A 54 -10.41 2.57 -0.36
CA ASP A 54 -11.58 2.00 -1.04
C ASP A 54 -12.31 3.13 -1.83
N PRO A 55 -12.35 3.00 -3.18
CA PRO A 55 -13.06 4.05 -3.98
C PRO A 55 -14.52 4.33 -3.50
N SER A 56 -15.15 3.36 -2.84
CA SER A 56 -16.55 3.54 -2.35
C SER A 56 -16.56 4.33 -1.05
N SER A 57 -15.38 4.59 -0.44
CA SER A 57 -15.31 5.38 0.78
C SER A 57 -15.71 6.81 0.54
N ALA A 58 -15.37 7.40 -0.64
CA ALA A 58 -15.77 8.78 -0.86
C ALA A 58 -17.30 8.93 -0.95
N LYS A 59 -17.83 9.92 -0.26
CA LYS A 59 -19.31 10.07 -0.27
C LYS A 59 -19.82 11.45 -0.71
N ILE A 60 -19.13 12.51 -0.29
CA ILE A 60 -19.66 13.87 -0.49
C ILE A 60 -18.51 14.76 -0.85
N ILE A 61 -18.80 15.71 -1.75
CA ILE A 61 -17.88 16.84 -1.95
C ILE A 61 -18.54 18.14 -1.57
N SER A 62 -17.84 19.03 -0.91
CA SER A 62 -18.46 20.30 -0.47
C SER A 62 -17.47 21.44 -0.59
N ASN A 63 -18.02 22.65 -0.66
CA ASN A 63 -17.20 23.82 -0.63
C ASN A 63 -17.19 24.39 0.74
N SER A 64 -16.04 24.35 1.45
CA SER A 64 -15.98 24.92 2.76
C SER A 64 -15.88 26.46 2.89
N GLY A 65 -15.62 27.05 1.71
CA GLY A 65 -15.22 28.49 1.67
C GLY A 65 -13.70 28.59 1.63
N HIS A 66 -12.96 27.53 2.03
CA HIS A 66 -11.49 27.52 2.10
C HIS A 66 -10.81 26.57 1.14
N SER A 67 -11.55 25.61 0.63
CA SER A 67 -11.12 24.65 -0.38
C SER A 67 -12.35 23.83 -0.75
N PHE A 68 -12.25 22.84 -1.63
CA PHE A 68 -13.29 21.78 -1.63
C PHE A 68 -12.82 20.74 -0.55
N ASN A 69 -13.81 19.98 -0.04
CA ASN A 69 -13.41 18.73 0.67
C ASN A 69 -14.19 17.57 0.18
N VAL A 70 -13.49 16.47 -0.09
CA VAL A 70 -14.13 15.27 -0.34
C VAL A 70 -14.16 14.54 1.02
N ASP A 71 -15.36 14.26 1.55
CA ASP A 71 -15.49 13.52 2.84
C ASP A 71 -15.71 12.06 2.51
N PHE A 72 -14.99 11.27 3.33
CA PHE A 72 -14.98 9.79 3.28
C PHE A 72 -15.73 9.30 4.52
N ASP A 73 -16.41 8.20 4.29
CA ASP A 73 -17.15 7.54 5.45
C ASP A 73 -16.02 6.90 6.26
N ASP A 74 -15.80 7.47 7.42
CA ASP A 74 -14.72 6.99 8.31
C ASP A 74 -15.36 6.19 9.51
N THR A 75 -16.47 5.57 9.21
CA THR A 75 -17.16 4.70 10.25
C THR A 75 -16.32 3.52 10.63
N GLU A 76 -15.64 2.85 9.70
CA GLU A 76 -14.72 1.77 10.07
C GLU A 76 -13.45 1.86 9.24
N ASN A 77 -12.62 0.81 9.32
CA ASN A 77 -11.30 0.80 8.77
C ASN A 77 -11.27 0.27 7.39
N LYS A 78 -12.13 0.75 6.48
CA LYS A 78 -12.05 0.32 5.08
C LYS A 78 -10.87 1.03 4.36
N SER A 79 -10.58 2.26 4.75
CA SER A 79 -9.50 3.05 4.03
C SER A 79 -8.58 3.59 5.10
N VAL A 80 -7.32 3.06 5.06
CA VAL A 80 -6.38 3.37 6.13
C VAL A 80 -4.97 3.52 5.54
N LEU A 81 -4.24 4.33 6.28
CA LEU A 81 -2.82 4.50 6.02
C LEU A 81 -2.04 3.94 7.17
N ARG A 82 -0.99 3.15 6.86
CA ARG A 82 -0.09 2.57 7.86
C ARG A 82 1.33 2.68 7.30
N GLY A 83 2.29 2.23 8.10
CA GLY A 83 3.71 2.23 7.70
C GLY A 83 4.24 3.63 7.65
N GLY A 84 5.15 3.90 6.70
CA GLY A 84 5.78 5.25 6.73
C GLY A 84 6.40 5.51 8.10
N PRO A 85 6.24 6.70 8.68
CA PRO A 85 6.67 7.01 10.06
C PRO A 85 5.69 6.58 11.17
N LEU A 86 4.51 6.04 10.82
CA LEU A 86 3.41 5.95 11.75
C LEU A 86 3.45 4.69 12.58
N THR A 87 2.99 4.87 13.82
CA THR A 87 2.68 3.73 14.70
C THR A 87 1.21 3.51 14.63
N GLY A 88 0.78 2.32 14.20
CA GLY A 88 -0.67 2.10 14.26
C GLY A 88 -1.35 2.55 12.94
N SER A 89 -2.66 2.52 12.95
CA SER A 89 -3.48 2.69 11.70
C SER A 89 -4.22 3.95 11.75
N TYR A 90 -4.10 4.70 10.65
CA TYR A 90 -4.72 6.05 10.49
C TYR A 90 -5.80 6.00 9.45
N ARG A 91 -7.04 6.29 9.83
CA ARG A 91 -8.20 6.18 9.00
C ARG A 91 -8.45 7.40 8.12
N LEU A 92 -8.66 7.09 6.83
CA LEU A 92 -9.00 8.20 5.92
C LEU A 92 -10.28 8.97 6.29
N ARG A 93 -10.13 10.28 6.34
CA ARG A 93 -11.27 11.20 6.67
C ARG A 93 -11.65 12.15 5.48
N GLN A 94 -10.66 12.87 4.92
CA GLN A 94 -11.04 13.86 3.91
C GLN A 94 -9.87 14.17 3.05
N VAL A 95 -10.18 14.71 1.84
CA VAL A 95 -9.12 15.16 0.89
C VAL A 95 -9.49 16.59 0.50
N HIS A 96 -8.48 17.44 0.42
CA HIS A 96 -8.75 18.78 -0.13
C HIS A 96 -7.52 19.22 -0.87
N LEU A 97 -7.55 20.46 -1.45
CA LEU A 97 -6.46 20.94 -2.35
C LEU A 97 -6.14 22.39 -1.99
N HIS A 98 -4.88 22.74 -2.18
CA HIS A 98 -4.43 24.11 -2.11
C HIS A 98 -3.77 24.52 -3.39
N TRP A 99 -4.00 25.78 -3.71
CA TRP A 99 -3.52 26.28 -5.05
C TRP A 99 -3.27 27.76 -4.79
N GLY A 100 -2.79 28.37 -5.92
CA GLY A 100 -2.47 29.83 -5.91
C GLY A 100 -3.18 30.48 -7.09
N SER A 101 -2.95 31.80 -7.20
CA SER A 101 -3.60 32.49 -8.36
C SER A 101 -2.86 32.27 -9.64
N ALA A 102 -1.67 31.74 -9.60
CA ALA A 102 -0.96 31.43 -10.81
C ALA A 102 -0.31 30.07 -10.63
N ASP A 103 -0.08 29.44 -11.77
CA ASP A 103 0.41 28.05 -11.74
C ASP A 103 1.84 28.06 -11.19
N ASP A 104 2.49 29.25 -11.23
CA ASP A 104 3.85 29.43 -10.78
C ASP A 104 4.06 29.10 -9.29
N HIS A 105 3.01 29.24 -8.49
CA HIS A 105 3.20 29.25 -7.06
C HIS A 105 1.89 28.91 -6.36
N GLY A 106 1.63 27.63 -6.09
CA GLY A 106 0.38 27.23 -5.47
C GLY A 106 0.49 26.25 -4.32
N SER A 107 1.62 25.59 -4.17
CA SER A 107 1.72 24.56 -3.14
C SER A 107 1.99 25.23 -1.81
N GLU A 108 1.87 24.40 -0.74
CA GLU A 108 2.19 24.84 0.62
C GLU A 108 3.60 24.48 1.02
N HIS A 109 3.95 23.22 0.96
CA HIS A 109 5.38 22.82 1.05
C HIS A 109 6.06 23.27 -0.24
N ILE A 110 7.36 23.62 -0.07
CA ILE A 110 8.20 24.17 -1.17
C ILE A 110 9.52 23.37 -1.13
N VAL A 111 10.02 22.90 -2.26
CA VAL A 111 11.13 21.95 -2.24
C VAL A 111 12.32 22.65 -2.93
N ASP A 112 13.30 22.96 -2.12
CA ASP A 112 14.49 23.69 -2.56
C ASP A 112 14.03 24.89 -3.41
N GLY A 113 13.03 25.60 -2.88
CA GLY A 113 12.55 26.80 -3.57
C GLY A 113 11.50 26.58 -4.63
N VAL A 114 11.20 25.31 -4.98
CA VAL A 114 10.25 25.05 -6.03
C VAL A 114 8.83 24.98 -5.36
N SER A 115 7.93 25.90 -5.74
CA SER A 115 6.49 25.83 -5.39
C SER A 115 5.80 25.19 -6.59
N TYR A 116 4.99 24.17 -6.34
CA TYR A 116 4.30 23.50 -7.37
C TYR A 116 2.98 24.22 -7.71
N ALA A 117 2.24 23.75 -8.70
CA ALA A 117 0.99 24.45 -9.07
C ALA A 117 -0.05 24.25 -7.99
N ALA A 118 -0.03 23.09 -7.26
CA ALA A 118 -1.12 22.90 -6.22
C ALA A 118 -0.52 21.80 -5.34
N GLU A 119 -1.32 21.59 -4.28
CA GLU A 119 -0.89 20.49 -3.32
C GLU A 119 -2.14 19.84 -2.70
N LEU A 120 -2.24 18.55 -2.89
CA LEU A 120 -3.34 17.73 -2.33
C LEU A 120 -2.98 17.28 -0.92
N HIS A 121 -3.96 17.43 -0.02
CA HIS A 121 -3.82 16.89 1.36
C HIS A 121 -4.84 15.79 1.56
N VAL A 122 -4.31 14.65 2.04
CA VAL A 122 -5.17 13.51 2.38
C VAL A 122 -5.05 13.33 3.89
N VAL A 123 -6.16 13.58 4.60
CA VAL A 123 -6.15 13.70 6.05
C VAL A 123 -6.68 12.38 6.71
N HIS A 124 -5.83 11.89 7.69
CA HIS A 124 -6.21 10.63 8.36
C HIS A 124 -6.07 10.87 9.86
N TRP A 125 -6.75 9.99 10.61
CA TRP A 125 -6.68 10.06 12.10
C TRP A 125 -6.45 8.71 12.76
N ASN A 126 -5.75 8.79 13.85
CA ASN A 126 -5.34 7.54 14.57
C ASN A 126 -6.50 6.88 15.37
N SER A 127 -7.17 5.92 14.75
CA SER A 127 -8.33 5.23 15.38
C SER A 127 -7.81 4.13 16.29
N ASP A 128 -6.53 3.81 16.25
CA ASP A 128 -6.00 2.77 17.23
C ASP A 128 -5.85 3.39 18.64
N LYS A 129 -5.77 4.72 18.79
CA LYS A 129 -5.59 5.39 20.08
C LYS A 129 -6.75 6.23 20.44
N TYR A 130 -7.47 6.80 19.45
CA TYR A 130 -8.49 7.78 19.69
C TYR A 130 -9.81 7.34 19.15
N PRO A 131 -10.93 7.81 19.80
CA PRO A 131 -12.22 7.29 19.38
C PRO A 131 -12.90 8.03 18.20
N SER A 132 -12.30 9.17 17.88
CA SER A 132 -12.91 10.00 16.82
C SER A 132 -11.81 10.97 16.30
N PHE A 133 -12.11 11.49 15.08
CA PHE A 133 -11.24 12.48 14.53
C PHE A 133 -11.07 13.66 15.42
N VAL A 134 -12.21 14.14 16.01
CA VAL A 134 -12.10 15.33 16.84
C VAL A 134 -11.18 15.17 18.02
N GLU A 135 -11.20 13.97 18.69
CA GLU A 135 -10.20 13.76 19.74
C GLU A 135 -8.73 13.62 19.24
N ALA A 136 -8.61 12.89 18.14
CA ALA A 136 -7.31 12.72 17.51
C ALA A 136 -6.64 14.09 17.13
N ALA A 137 -7.50 14.98 16.66
CA ALA A 137 -7.00 16.26 16.17
C ALA A 137 -6.25 17.14 17.19
N HIS A 138 -6.40 16.80 18.50
CA HIS A 138 -5.80 17.57 19.57
C HIS A 138 -4.67 16.84 20.25
N GLU A 139 -4.04 15.84 19.58
CA GLU A 139 -2.96 15.06 20.14
C GLU A 139 -1.84 15.01 19.17
N PRO A 140 -0.59 15.05 19.61
CA PRO A 140 0.58 15.08 18.70
C PRO A 140 0.63 13.93 17.76
N ASP A 141 0.19 12.76 18.18
CA ASP A 141 0.18 11.58 17.36
C ASP A 141 -1.19 11.31 16.70
N GLY A 142 -2.09 12.33 16.69
CA GLY A 142 -3.46 12.12 16.27
C GLY A 142 -3.71 12.00 14.78
N LEU A 143 -3.03 12.89 14.02
CA LEU A 143 -3.36 12.95 12.59
C LEU A 143 -2.14 12.64 11.72
N ALA A 144 -2.44 12.12 10.50
CA ALA A 144 -1.38 11.87 9.50
C ALA A 144 -1.96 12.52 8.23
N VAL A 145 -1.09 13.33 7.57
CA VAL A 145 -1.55 13.96 6.29
C VAL A 145 -0.52 13.58 5.24
N LEU A 146 -1.05 13.02 4.16
CA LEU A 146 -0.26 12.79 2.96
C LEU A 146 -0.37 14.03 2.05
N GLY A 147 0.76 14.64 1.79
CA GLY A 147 0.73 15.72 0.77
C GLY A 147 1.30 15.27 -0.55
N VAL A 148 0.59 15.65 -1.60
CA VAL A 148 0.97 15.28 -2.98
C VAL A 148 0.97 16.55 -3.84
N PHE A 149 2.11 16.78 -4.46
CA PHE A 149 2.23 17.98 -5.33
C PHE A 149 1.58 17.69 -6.65
N LEU A 150 1.00 18.80 -7.20
CA LEU A 150 0.48 18.82 -8.61
C LEU A 150 1.32 19.79 -9.43
N GLN A 151 1.72 19.29 -10.60
CA GLN A 151 2.36 20.15 -11.61
C GLN A 151 1.51 20.17 -12.83
N ILE A 152 1.69 21.22 -13.66
CA ILE A 152 0.86 21.34 -14.87
C ILE A 152 1.39 20.38 -15.91
N GLY A 153 0.47 19.63 -16.49
CA GLY A 153 0.81 18.66 -17.53
C GLY A 153 -0.49 18.12 -18.11
N GLU A 154 -0.51 16.81 -18.36
CA GLU A 154 -1.63 16.18 -19.03
C GLU A 154 -2.84 16.25 -18.08
N PRO A 155 -4.06 16.42 -18.57
CA PRO A 155 -5.26 16.39 -17.73
C PRO A 155 -5.26 15.10 -16.93
N ASN A 156 -5.77 15.19 -15.71
CA ASN A 156 -5.87 14.03 -14.88
C ASN A 156 -7.29 13.49 -14.84
N SER A 157 -7.44 12.24 -15.31
CA SER A 157 -8.79 11.74 -15.44
C SER A 157 -9.53 11.57 -14.11
N GLN A 158 -8.84 11.22 -13.02
N GLN A 158 -8.83 11.28 -13.03
CA GLN A 158 -9.53 11.18 -11.71
CA GLN A 158 -9.47 11.21 -11.72
C GLN A 158 -9.89 12.57 -11.24
C GLN A 158 -9.77 12.56 -11.09
N LEU A 159 -8.99 13.55 -11.45
CA LEU A 159 -9.29 14.94 -11.04
C LEU A 159 -10.46 15.55 -11.84
N GLN A 160 -10.63 15.07 -13.07
CA GLN A 160 -11.75 15.53 -13.89
C GLN A 160 -13.07 15.24 -13.16
N LYS A 161 -13.16 14.12 -12.44
CA LYS A 161 -14.37 13.83 -11.71
C LYS A 161 -14.70 14.91 -10.68
N ILE A 162 -13.62 15.44 -10.03
CA ILE A 162 -13.80 16.51 -9.08
C ILE A 162 -14.14 17.78 -9.86
N THR A 163 -13.40 18.11 -10.91
CA THR A 163 -13.74 19.38 -11.57
C THR A 163 -15.16 19.36 -12.18
N ASP A 164 -15.63 18.19 -12.61
CA ASP A 164 -17.02 18.14 -13.11
C ASP A 164 -18.07 18.47 -12.06
N THR A 165 -17.74 18.43 -10.77
CA THR A 165 -18.75 18.75 -9.74
C THR A 165 -18.72 20.18 -9.36
N LEU A 166 -17.69 20.95 -9.75
CA LEU A 166 -17.45 22.24 -9.06
C LEU A 166 -18.60 23.21 -9.34
N ASP A 167 -19.20 23.13 -10.53
CA ASP A 167 -20.35 24.02 -10.84
C ASP A 167 -21.46 23.84 -9.84
N SER A 168 -21.65 22.65 -9.31
N SER A 168 -21.62 22.62 -9.34
CA SER A 168 -22.71 22.49 -8.33
CA SER A 168 -22.63 22.31 -8.34
C SER A 168 -22.40 22.96 -6.91
C SER A 168 -22.36 22.73 -6.91
N ILE A 169 -21.12 23.17 -6.62
CA ILE A 169 -20.74 23.62 -5.28
C ILE A 169 -20.01 24.97 -5.24
N LYS A 170 -20.38 25.84 -6.17
N LYS A 170 -20.39 25.84 -6.16
CA LYS A 170 -19.69 27.11 -6.26
CA LYS A 170 -19.74 27.14 -6.24
C LYS A 170 -19.81 27.97 -4.98
C LYS A 170 -19.81 27.95 -4.96
N GLU A 171 -21.00 27.98 -4.35
CA GLU A 171 -21.18 28.78 -3.16
C GLU A 171 -20.71 28.12 -1.92
N LYS A 172 -20.15 28.90 -1.02
CA LYS A 172 -19.74 28.40 0.27
C LYS A 172 -20.90 27.65 0.96
N GLY A 173 -20.54 26.47 1.46
CA GLY A 173 -21.52 25.55 2.14
C GLY A 173 -22.24 24.54 1.25
N LYS A 174 -22.18 24.66 -0.06
CA LYS A 174 -22.88 23.72 -0.95
C LYS A 174 -22.17 22.36 -0.89
N GLN A 175 -22.96 21.31 -1.07
CA GLN A 175 -22.52 19.91 -1.10
C GLN A 175 -23.19 19.14 -2.16
N THR A 176 -22.48 18.13 -2.62
CA THR A 176 -23.14 17.22 -3.48
C THR A 176 -22.55 15.81 -3.36
N ARG A 177 -23.26 14.81 -3.82
N ARG A 177 -23.29 14.82 -3.85
CA ARG A 177 -22.73 13.48 -3.67
CA ARG A 177 -22.88 13.39 -3.80
C ARG A 177 -21.56 13.25 -4.57
C ARG A 177 -21.68 13.09 -4.66
N PHE A 178 -20.68 12.38 -4.10
CA PHE A 178 -19.42 12.09 -4.86
C PHE A 178 -18.84 10.82 -4.35
N THR A 179 -18.78 9.87 -5.26
CA THR A 179 -18.26 8.55 -4.79
C THR A 179 -17.49 7.91 -5.93
N ASN A 180 -16.96 6.71 -5.67
CA ASN A 180 -16.17 5.93 -6.63
C ASN A 180 -14.95 6.73 -7.06
N PHE A 181 -14.16 7.15 -6.08
CA PHE A 181 -13.00 8.02 -6.33
C PHE A 181 -11.76 7.18 -5.99
N ASP A 182 -10.94 6.87 -6.99
CA ASP A 182 -9.92 5.85 -6.76
C ASP A 182 -8.63 6.62 -6.41
N LEU A 183 -8.58 7.02 -5.13
CA LEU A 183 -7.51 7.81 -4.57
C LEU A 183 -6.21 7.06 -4.67
N LEU A 184 -6.24 5.71 -4.53
CA LEU A 184 -4.99 4.97 -4.60
C LEU A 184 -4.39 5.16 -5.97
N SER A 185 -5.22 5.12 -7.01
N SER A 185 -5.17 5.09 -7.04
CA SER A 185 -4.70 5.23 -8.39
CA SER A 185 -4.54 5.24 -8.35
C SER A 185 -4.26 6.63 -8.74
C SER A 185 -4.10 6.65 -8.62
N LEU A 186 -4.68 7.63 -7.94
CA LEU A 186 -4.31 9.03 -8.16
C LEU A 186 -2.89 9.31 -7.73
N LEU A 187 -2.34 8.51 -6.78
CA LEU A 187 -1.06 8.80 -6.26
C LEU A 187 0.04 8.53 -7.33
N PRO A 188 1.17 9.23 -7.23
CA PRO A 188 2.23 9.09 -8.26
C PRO A 188 2.89 7.75 -8.20
N PRO A 189 3.63 7.38 -9.23
CA PRO A 189 4.26 6.07 -9.23
C PRO A 189 5.18 5.80 -8.05
N SER A 190 5.99 6.79 -7.63
CA SER A 190 6.89 6.59 -6.48
C SER A 190 6.29 7.15 -5.25
N TRP A 191 6.36 6.40 -4.14
CA TRP A 191 5.84 6.85 -2.87
C TRP A 191 6.97 7.22 -1.92
N ASP A 192 8.15 7.55 -2.43
CA ASP A 192 9.22 8.03 -1.60
C ASP A 192 8.79 9.42 -1.03
N TYR A 193 9.11 9.62 0.22
CA TYR A 193 8.55 10.76 0.94
C TYR A 193 9.48 11.42 1.92
N TRP A 194 9.18 12.63 2.32
CA TRP A 194 9.78 13.28 3.48
C TRP A 194 8.75 13.29 4.57
N THR A 195 9.23 13.36 5.82
CA THR A 195 8.33 13.42 6.95
C THR A 195 8.84 14.30 8.08
N TYR A 196 7.93 14.99 8.72
CA TYR A 196 8.26 15.83 9.90
C TYR A 196 7.02 16.04 10.74
N PRO A 197 7.19 16.40 12.02
CA PRO A 197 6.04 16.71 12.85
C PRO A 197 5.58 18.15 12.65
N GLY A 198 4.29 18.34 12.50
CA GLY A 198 3.79 19.66 12.28
C GLY A 198 2.40 19.87 12.60
N SER A 199 1.70 20.74 11.83
CA SER A 199 0.39 21.18 12.19
C SER A 199 -0.60 21.17 11.05
N LEU A 200 -1.86 21.40 11.40
CA LEU A 200 -2.84 21.81 10.35
C LEU A 200 -2.30 23.11 9.76
N THR A 201 -2.52 23.26 8.42
CA THR A 201 -2.15 24.52 7.74
C THR A 201 -3.25 25.46 7.66
N VAL A 202 -4.37 25.22 8.37
CA VAL A 202 -5.50 26.17 8.43
C VAL A 202 -5.87 26.27 9.90
N PRO A 203 -6.47 27.35 10.32
CA PRO A 203 -7.06 27.46 11.67
C PRO A 203 -7.95 26.25 11.88
N PRO A 204 -7.86 25.63 13.10
CA PRO A 204 -7.19 26.04 14.28
C PRO A 204 -5.69 25.77 14.45
N LEU A 205 -4.99 25.28 13.36
CA LEU A 205 -3.54 25.22 13.33
C LEU A 205 -2.93 24.28 14.41
N LEU A 206 -3.76 23.31 14.79
CA LEU A 206 -3.38 22.34 15.86
C LEU A 206 -2.11 21.56 15.45
N GLU A 207 -1.22 21.37 16.41
CA GLU A 207 0.08 20.68 16.21
C GLU A 207 -0.12 19.21 16.51
N SER A 208 -0.84 18.56 15.60
CA SER A 208 -1.26 17.16 15.77
C SER A 208 -0.95 16.28 14.53
N VAL A 209 -0.18 16.87 13.59
CA VAL A 209 0.05 16.21 12.33
C VAL A 209 1.41 15.63 12.06
N THR A 210 1.41 14.32 11.72
CA THR A 210 2.56 13.69 11.18
C THR A 210 2.43 13.95 9.64
N TRP A 211 3.33 14.83 9.18
CA TRP A 211 3.32 15.11 7.70
C TRP A 211 4.14 14.10 6.91
N ILE A 212 3.54 13.64 5.82
CA ILE A 212 4.20 12.67 4.92
C ILE A 212 4.04 13.37 3.50
N VAL A 213 5.17 13.93 3.02
CA VAL A 213 5.08 14.71 1.72
C VAL A 213 5.72 13.89 0.65
N LEU A 214 4.99 13.40 -0.38
CA LEU A 214 5.62 12.70 -1.47
C LEU A 214 6.51 13.57 -2.34
N LYS A 215 7.67 13.02 -2.69
CA LYS A 215 8.57 13.74 -3.60
C LYS A 215 8.02 13.90 -5.06
N GLN A 216 7.36 12.90 -5.59
CA GLN A 216 7.02 12.91 -7.01
C GLN A 216 5.65 13.58 -7.17
N PRO A 217 5.56 14.69 -7.98
CA PRO A 217 4.28 15.29 -8.30
C PRO A 217 3.42 14.45 -9.24
N ILE A 218 2.10 14.73 -9.22
CA ILE A 218 1.13 14.23 -10.23
C ILE A 218 0.78 15.38 -11.16
N ASN A 219 0.09 15.02 -12.25
CA ASN A 219 -0.18 16.10 -13.25
C ASN A 219 -1.63 16.55 -13.17
N ILE A 220 -1.86 17.82 -13.55
CA ILE A 220 -3.20 18.37 -13.73
C ILE A 220 -3.06 19.32 -14.95
N SER A 221 -4.17 19.49 -15.67
CA SER A 221 -4.03 20.51 -16.78
C SER A 221 -4.19 21.89 -16.18
N SER A 222 -3.74 22.93 -16.93
CA SER A 222 -3.99 24.30 -16.48
C SER A 222 -5.49 24.59 -16.43
N GLN A 223 -6.28 24.07 -17.41
CA GLN A 223 -7.73 24.32 -17.38
C GLN A 223 -8.43 23.65 -16.15
N GLN A 224 -8.03 22.40 -15.84
CA GLN A 224 -8.64 21.75 -14.67
C GLN A 224 -8.29 22.58 -13.40
N LEU A 225 -7.01 22.96 -13.25
CA LEU A 225 -6.60 23.70 -12.05
C LEU A 225 -7.39 25.00 -11.89
N ALA A 226 -7.54 25.69 -13.04
CA ALA A 226 -8.25 26.96 -13.05
C ALA A 226 -9.68 26.85 -12.55
N LYS A 227 -10.38 25.70 -12.77
CA LYS A 227 -11.72 25.59 -12.30
C LYS A 227 -11.81 25.74 -10.78
N PHE A 228 -10.73 25.35 -10.05
CA PHE A 228 -10.86 25.51 -8.63
C PHE A 228 -10.92 26.92 -8.13
N ARG A 229 -10.34 27.87 -8.89
CA ARG A 229 -10.29 29.28 -8.49
C ARG A 229 -11.66 29.95 -8.64
N SER A 230 -12.58 29.25 -9.28
CA SER A 230 -14.00 29.73 -9.43
C SER A 230 -14.92 29.40 -8.27
N LEU A 231 -14.40 28.61 -7.26
CA LEU A 231 -15.18 28.46 -6.08
C LEU A 231 -15.27 29.76 -5.34
N LEU A 232 -16.40 29.98 -4.66
CA LEU A 232 -16.53 31.19 -3.90
C LEU A 232 -16.11 30.98 -2.41
N CYS A 233 -15.57 32.02 -1.77
CA CYS A 233 -15.22 31.93 -0.33
C CYS A 233 -16.37 32.56 0.46
N THR A 234 -17.31 33.13 -0.29
CA THR A 234 -18.58 33.69 0.24
C THR A 234 -19.82 32.77 0.08
N ALA A 235 -20.76 32.90 1.03
CA ALA A 235 -22.02 32.08 0.97
C ALA A 235 -23.06 32.55 -0.07
N GLU A 236 -24.04 31.69 -0.35
CA GLU A 236 -25.13 32.03 -1.29
C GLU A 236 -25.86 33.31 -0.84
N GLY A 237 -26.23 34.16 -1.79
CA GLY A 237 -26.69 35.54 -1.52
C GLY A 237 -25.87 36.50 -0.66
N GLU A 238 -24.62 36.74 -1.04
CA GLU A 238 -23.67 37.61 -0.30
C GLU A 238 -22.65 38.16 -1.29
N ALA A 239 -21.95 39.23 -0.94
CA ALA A 239 -21.04 39.85 -1.91
C ALA A 239 -20.00 38.78 -2.43
N ALA A 240 -20.09 38.37 -3.70
CA ALA A 240 -19.20 37.28 -4.22
C ALA A 240 -17.70 37.64 -4.13
N ALA A 241 -16.92 36.69 -3.58
CA ALA A 241 -15.48 36.78 -3.70
C ALA A 241 -14.99 35.40 -4.01
N PHE A 242 -13.95 35.36 -4.81
CA PHE A 242 -13.45 34.09 -5.33
C PHE A 242 -12.22 33.57 -4.65
N LEU A 243 -12.24 32.23 -4.49
CA LEU A 243 -11.09 31.58 -3.81
C LEU A 243 -9.92 31.37 -4.81
N VAL A 244 -9.28 32.49 -5.23
CA VAL A 244 -8.28 32.35 -6.28
C VAL A 244 -6.96 31.75 -5.74
N SER A 245 -6.82 31.76 -4.42
CA SER A 245 -5.56 31.33 -3.80
C SER A 245 -5.89 30.91 -2.36
N ASN A 246 -5.28 29.79 -1.91
CA ASN A 246 -5.66 29.30 -0.53
C ASN A 246 -4.47 28.53 -0.05
N HIS A 247 -3.29 29.09 -0.12
CA HIS A 247 -2.08 28.37 0.48
C HIS A 247 -1.46 29.20 1.50
N ARG A 248 -0.99 28.58 2.58
CA ARG A 248 -0.32 29.26 3.62
C ARG A 248 1.21 29.29 3.35
N PRO A 249 1.89 30.42 3.66
CA PRO A 249 3.31 30.49 3.45
C PRO A 249 4.07 29.49 4.30
N PRO A 250 5.29 29.16 3.95
CA PRO A 250 6.12 28.24 4.82
C PRO A 250 6.45 28.87 6.19
N GLN A 251 6.57 28.04 7.25
CA GLN A 251 6.71 28.51 8.61
C GLN A 251 8.08 28.02 9.07
N PRO A 252 8.62 28.68 10.09
CA PRO A 252 9.96 28.32 10.60
C PRO A 252 10.07 26.89 11.10
N LEU A 253 11.17 26.30 10.74
CA LEU A 253 11.44 24.89 11.08
C LEU A 253 11.65 24.69 12.58
N LYS A 254 12.23 25.70 13.24
CA LYS A 254 12.42 25.66 14.68
C LYS A 254 13.05 24.32 15.20
N GLY A 255 14.05 23.88 14.47
CA GLY A 255 14.89 22.75 14.97
C GLY A 255 14.26 21.39 14.86
N ARG A 256 13.12 21.28 14.21
CA ARG A 256 12.57 19.94 13.85
C ARG A 256 13.47 19.22 12.83
N LYS A 257 13.40 17.88 12.86
CA LYS A 257 14.13 17.04 11.97
C LYS A 257 13.22 16.63 10.80
N VAL A 258 13.62 17.00 9.57
CA VAL A 258 12.87 16.47 8.39
C VAL A 258 13.63 15.23 7.96
N ARG A 259 12.93 14.07 7.82
CA ARG A 259 13.59 12.82 7.47
C ARG A 259 13.14 12.43 6.04
N ALA A 260 13.97 11.67 5.39
CA ALA A 260 13.68 11.10 4.00
C ALA A 260 13.56 9.62 4.12
N SER A 261 12.63 9.05 3.41
CA SER A 261 12.47 7.60 3.32
C SER A 261 13.42 6.95 2.29
N PHE A 262 14.21 7.77 1.59
CA PHE A 262 14.95 7.34 0.43
C PHE A 262 16.27 8.16 0.42
N HIS A 263 17.30 7.63 -0.24
CA HIS A 263 18.53 8.42 -0.56
C HIS A 263 19.15 7.89 -1.80
N SER B 6 0.81 -37.99 -11.43
CA SER B 6 1.46 -36.64 -11.42
C SER B 6 1.91 -36.22 -10.01
N TRP B 7 2.63 -35.10 -9.99
CA TRP B 7 3.37 -34.70 -8.79
C TRP B 7 2.44 -34.26 -7.66
N GLY B 8 2.94 -34.37 -6.44
CA GLY B 8 2.19 -33.90 -5.24
C GLY B 8 3.12 -33.99 -4.06
N TYR B 9 2.58 -34.32 -2.87
CA TYR B 9 3.35 -34.30 -1.66
C TYR B 9 3.16 -35.56 -0.86
N ARG B 10 2.62 -36.54 -1.57
CA ARG B 10 2.50 -37.94 -1.02
C ARG B 10 3.84 -38.72 -1.13
N GLU B 11 3.89 -39.94 -0.54
CA GLU B 11 5.17 -40.64 -0.47
C GLU B 11 5.78 -40.88 -1.88
N HIS B 12 4.90 -41.24 -2.80
CA HIS B 12 5.21 -41.76 -4.13
C HIS B 12 5.35 -40.66 -5.16
N ASN B 13 4.86 -39.46 -4.84
CA ASN B 13 4.89 -38.37 -5.86
C ASN B 13 5.47 -37.04 -5.29
N GLY B 14 5.93 -37.12 -4.06
CA GLY B 14 6.40 -35.94 -3.27
C GLY B 14 7.74 -35.44 -3.70
N PRO B 15 8.25 -34.39 -3.02
CA PRO B 15 9.45 -33.64 -3.36
C PRO B 15 10.67 -34.45 -3.72
N ILE B 16 10.90 -35.59 -3.02
CA ILE B 16 12.10 -36.40 -3.32
C ILE B 16 11.99 -37.08 -4.72
N HIS B 17 10.78 -37.22 -5.24
CA HIS B 17 10.58 -37.78 -6.57
C HIS B 17 10.50 -36.77 -7.70
N TRP B 18 10.46 -35.45 -7.38
CA TRP B 18 10.24 -34.48 -8.46
C TRP B 18 11.29 -34.46 -9.53
N LYS B 19 12.53 -34.76 -9.13
CA LYS B 19 13.69 -34.86 -10.08
C LYS B 19 13.44 -35.91 -11.20
N GLU B 20 12.55 -36.89 -10.96
CA GLU B 20 12.13 -37.87 -11.95
C GLU B 20 11.39 -37.30 -13.16
N PHE B 21 10.64 -36.26 -12.91
CA PHE B 21 9.89 -35.65 -13.96
C PHE B 21 10.35 -34.26 -14.38
N PHE B 22 11.13 -33.62 -13.53
CA PHE B 22 11.50 -32.19 -13.68
C PHE B 22 12.94 -32.17 -13.31
N PRO B 23 13.76 -32.46 -14.32
CA PRO B 23 15.18 -32.47 -14.10
C PRO B 23 15.77 -31.21 -13.39
N ILE B 24 15.20 -30.03 -13.63
CA ILE B 24 15.76 -28.81 -12.99
C ILE B 24 15.63 -28.86 -11.41
N ALA B 25 14.92 -29.89 -10.90
CA ALA B 25 14.82 -29.99 -9.44
C ALA B 25 16.15 -30.00 -8.70
N ASP B 26 17.21 -30.48 -9.38
CA ASP B 26 18.54 -30.47 -8.76
C ASP B 26 19.48 -29.39 -9.34
N GLY B 27 18.87 -28.36 -9.90
CA GLY B 27 19.56 -27.17 -10.42
C GLY B 27 20.36 -26.34 -9.47
N ASP B 28 20.99 -25.30 -10.02
CA ASP B 28 21.81 -24.39 -9.26
C ASP B 28 21.08 -23.23 -8.61
N GLN B 29 19.80 -22.99 -9.05
CA GLN B 29 19.10 -21.83 -8.44
C GLN B 29 17.73 -22.31 -8.02
N GLN B 30 17.69 -23.32 -7.16
CA GLN B 30 16.41 -23.87 -6.64
C GLN B 30 16.06 -23.22 -5.32
N SER B 31 14.72 -23.30 -5.06
CA SER B 31 14.13 -22.71 -3.90
C SER B 31 13.21 -23.78 -3.33
N PRO B 32 12.85 -23.62 -2.03
CA PRO B 32 13.33 -22.59 -1.13
C PRO B 32 14.74 -22.89 -0.61
N ILE B 33 15.23 -22.05 0.27
CA ILE B 33 16.63 -22.18 0.80
C ILE B 33 16.62 -21.95 2.31
N GLU B 34 17.75 -22.32 2.94
CA GLU B 34 18.04 -21.86 4.27
C GLU B 34 18.76 -20.52 4.25
N ILE B 35 18.37 -19.60 5.12
CA ILE B 35 19.00 -18.26 5.14
C ILE B 35 19.85 -18.33 6.44
N LYS B 36 21.18 -18.23 6.23
CA LYS B 36 22.21 -18.12 7.32
C LYS B 36 22.48 -16.62 7.50
N THR B 37 21.83 -16.00 8.45
CA THR B 37 21.90 -14.54 8.58
C THR B 37 23.32 -13.98 8.79
N LYS B 38 24.18 -14.78 9.43
CA LYS B 38 25.55 -14.30 9.67
C LYS B 38 26.29 -14.10 8.35
N GLU B 39 25.82 -14.76 7.29
CA GLU B 39 26.43 -14.62 6.00
C GLU B 39 25.68 -13.74 5.02
N VAL B 40 24.66 -13.05 5.50
CA VAL B 40 23.88 -12.16 4.61
C VAL B 40 24.52 -10.78 4.63
N LYS B 41 24.61 -10.10 3.49
CA LYS B 41 25.08 -8.68 3.52
C LYS B 41 23.93 -7.69 3.32
N TYR B 42 23.81 -6.65 4.16
CA TYR B 42 22.92 -5.51 3.89
C TYR B 42 23.36 -4.92 2.54
N ASP B 43 22.38 -4.56 1.69
CA ASP B 43 22.68 -3.93 0.41
C ASP B 43 21.99 -2.56 0.36
N SER B 44 22.79 -1.49 0.54
CA SER B 44 22.22 -0.17 0.54
C SER B 44 21.69 0.32 -0.78
N SER B 45 22.06 -0.35 -1.90
CA SER B 45 21.54 -0.12 -3.22
C SER B 45 20.05 -0.60 -3.48
N LEU B 46 19.53 -1.49 -2.64
CA LEU B 46 18.13 -1.85 -2.81
C LEU B 46 17.24 -0.60 -2.58
N ARG B 47 16.25 -0.42 -3.48
CA ARG B 47 15.39 0.71 -3.37
C ARG B 47 14.22 0.41 -2.44
N PRO B 48 13.53 1.44 -1.94
CA PRO B 48 12.35 1.10 -1.13
C PRO B 48 11.41 0.14 -1.87
N LEU B 49 10.85 -0.83 -1.15
CA LEU B 49 9.78 -1.69 -1.74
C LEU B 49 8.48 -0.89 -1.87
N SER B 50 7.76 -1.10 -2.99
CA SER B 50 6.57 -0.34 -3.28
C SER B 50 5.52 -1.38 -3.52
N ILE B 51 4.47 -1.39 -2.66
CA ILE B 51 3.37 -2.34 -2.86
C ILE B 51 2.08 -1.54 -3.05
N LYS B 52 1.54 -1.61 -4.29
CA LYS B 52 0.27 -0.97 -4.58
C LYS B 52 -0.69 -2.10 -4.90
N TYR B 53 -1.68 -2.32 -4.03
N TYR B 53 -1.74 -2.14 -4.07
CA TYR B 53 -2.60 -3.43 -4.25
CA TYR B 53 -2.64 -3.27 -4.02
C TYR B 53 -4.00 -2.91 -4.11
C TYR B 53 -4.10 -2.89 -4.03
N ASP B 54 -4.83 -3.36 -5.04
CA ASP B 54 -6.24 -2.98 -5.13
C ASP B 54 -7.06 -4.23 -4.82
N PRO B 55 -7.89 -4.19 -3.75
CA PRO B 55 -8.72 -5.33 -3.44
C PRO B 55 -9.63 -5.83 -4.49
N SER B 56 -10.02 -4.94 -5.42
N SER B 56 -9.99 -4.92 -5.41
CA SER B 56 -10.90 -5.42 -6.52
CA SER B 56 -10.85 -5.36 -6.51
C SER B 56 -10.15 -6.25 -7.56
C SER B 56 -10.14 -6.22 -7.55
N SER B 57 -8.81 -6.33 -7.44
CA SER B 57 -8.04 -7.10 -8.40
C SER B 57 -8.18 -8.63 -8.23
N ALA B 58 -8.58 -9.03 -7.03
CA ALA B 58 -8.83 -10.47 -6.75
C ALA B 58 -10.07 -10.89 -7.49
N LYS B 59 -10.01 -12.04 -8.08
CA LYS B 59 -11.13 -12.60 -8.85
C LYS B 59 -11.76 -13.89 -8.29
N ILE B 60 -10.92 -14.88 -8.08
CA ILE B 60 -11.41 -16.23 -7.76
C ILE B 60 -10.50 -16.84 -6.71
N ILE B 61 -11.03 -17.77 -5.94
CA ILE B 61 -10.14 -18.70 -5.20
C ILE B 61 -10.48 -20.12 -5.62
N SER B 62 -9.44 -20.97 -5.71
CA SER B 62 -9.63 -22.33 -6.14
C SER B 62 -8.70 -23.27 -5.41
N ASN B 63 -9.11 -24.54 -5.46
CA ASN B 63 -8.20 -25.60 -4.93
C ASN B 63 -7.56 -26.21 -6.17
N SER B 64 -6.25 -26.00 -6.26
CA SER B 64 -5.46 -26.54 -7.36
C SER B 64 -5.04 -27.98 -7.13
N GLY B 65 -5.39 -28.53 -5.96
CA GLY B 65 -4.84 -29.86 -5.54
C GLY B 65 -3.56 -29.78 -4.73
N HIS B 66 -2.85 -28.64 -4.82
CA HIS B 66 -1.55 -28.40 -4.22
C HIS B 66 -1.56 -27.29 -3.19
N SER B 67 -2.63 -26.45 -3.17
CA SER B 67 -2.81 -25.38 -2.24
C SER B 67 -4.19 -24.74 -2.61
N PHE B 68 -4.57 -23.71 -1.89
CA PHE B 68 -5.60 -22.85 -2.54
C PHE B 68 -4.81 -21.87 -3.35
N ASN B 69 -5.50 -21.27 -4.31
CA ASN B 69 -4.90 -20.18 -5.13
C ASN B 69 -5.89 -19.06 -5.23
N VAL B 70 -5.49 -17.84 -4.82
CA VAL B 70 -6.38 -16.66 -5.11
C VAL B 70 -5.75 -16.07 -6.39
N ASP B 71 -6.60 -15.93 -7.43
CA ASP B 71 -6.04 -15.41 -8.73
C ASP B 71 -6.59 -14.01 -8.93
N PHE B 72 -5.70 -13.20 -9.54
CA PHE B 72 -5.96 -11.76 -9.74
C PHE B 72 -5.93 -11.43 -11.18
N ASP B 73 -6.59 -10.33 -11.49
N ASP B 73 -6.49 -10.27 -11.49
CA ASP B 73 -6.53 -9.80 -12.86
CA ASP B 73 -6.38 -9.73 -12.87
C ASP B 73 -5.12 -9.82 -13.61
C ASP B 73 -5.05 -9.85 -13.62
N ASP B 74 -5.15 -10.34 -14.83
CA ASP B 74 -3.92 -10.59 -15.62
C ASP B 74 -3.38 -9.42 -16.46
N THR B 75 -4.25 -8.44 -16.73
CA THR B 75 -3.92 -7.41 -17.76
C THR B 75 -4.02 -5.96 -17.24
N GLU B 76 -4.11 -5.65 -15.96
CA GLU B 76 -4.12 -4.34 -15.45
C GLU B 76 -2.97 -4.06 -14.50
N ASN B 77 -2.53 -2.83 -14.33
CA ASN B 77 -1.55 -2.42 -13.32
C ASN B 77 -2.06 -1.79 -12.07
N LYS B 78 -3.25 -2.26 -11.61
CA LYS B 78 -3.85 -1.75 -10.33
C LYS B 78 -3.14 -2.34 -9.12
N SER B 79 -2.63 -3.58 -9.35
CA SER B 79 -1.90 -4.28 -8.22
C SER B 79 -0.53 -4.72 -8.70
N VAL B 80 0.43 -3.95 -8.24
CA VAL B 80 1.86 -4.11 -8.74
C VAL B 80 2.87 -4.01 -7.58
N LEU B 81 3.99 -4.73 -7.78
CA LEU B 81 5.12 -4.72 -6.88
C LEU B 81 6.29 -4.08 -7.66
N ARG B 82 6.90 -3.11 -6.98
CA ARG B 82 8.04 -2.37 -7.57
C ARG B 82 9.07 -2.16 -6.48
N GLY B 83 10.25 -1.68 -6.87
CA GLY B 83 11.30 -1.28 -5.89
C GLY B 83 12.02 -2.53 -5.37
N GLY B 84 12.61 -2.39 -4.18
CA GLY B 84 13.49 -3.44 -3.72
C GLY B 84 14.60 -3.78 -4.70
N PRO B 85 14.71 -5.06 -5.03
CA PRO B 85 15.69 -5.62 -5.97
C PRO B 85 15.19 -5.54 -7.43
N LEU B 86 13.95 -5.07 -7.63
CA LEU B 86 13.32 -5.26 -8.97
C LEU B 86 13.59 -4.11 -9.94
N THR B 87 13.73 -4.46 -11.21
CA THR B 87 13.69 -3.43 -12.30
C THR B 87 12.32 -3.48 -12.97
N GLY B 88 11.58 -2.36 -12.98
CA GLY B 88 10.23 -2.29 -13.59
C GLY B 88 9.11 -2.80 -12.70
N SER B 89 7.99 -3.07 -13.30
CA SER B 89 6.72 -3.26 -12.56
C SER B 89 6.36 -4.75 -12.73
N TYR B 90 6.08 -5.37 -11.55
CA TYR B 90 5.69 -6.82 -11.54
C TYR B 90 4.22 -6.92 -11.09
N ARG B 91 3.39 -7.44 -11.95
CA ARG B 91 1.93 -7.47 -11.72
C ARG B 91 1.54 -8.65 -10.85
N LEU B 92 0.71 -8.31 -9.88
CA LEU B 92 0.23 -9.37 -8.97
C LEU B 92 -0.59 -10.41 -9.74
N ARG B 93 -0.30 -11.71 -9.56
CA ARG B 93 -0.94 -12.79 -10.24
C ARG B 93 -1.74 -13.76 -9.32
N GLN B 94 -1.09 -14.18 -8.19
N GLN B 94 -1.14 -14.20 -8.19
CA GLN B 94 -1.54 -15.30 -7.42
CA GLN B 94 -1.81 -15.16 -7.33
C GLN B 94 -1.08 -15.15 -5.93
C GLN B 94 -1.13 -15.22 -5.99
N VAL B 95 -1.94 -15.64 -5.04
CA VAL B 95 -1.51 -15.85 -3.62
C VAL B 95 -1.88 -17.31 -3.32
N HIS B 96 -0.93 -17.98 -2.59
CA HIS B 96 -1.22 -19.39 -2.05
C HIS B 96 -0.36 -19.46 -0.81
N LEU B 97 -0.59 -20.71 -0.22
CA LEU B 97 -0.01 -20.98 1.12
C LEU B 97 0.58 -22.44 1.17
N HIS B 98 1.68 -22.51 1.96
CA HIS B 98 2.30 -23.81 2.23
C HIS B 98 2.25 -24.03 3.76
N TRP B 99 2.05 -25.33 4.08
CA TRP B 99 1.98 -25.75 5.50
C TRP B 99 2.52 -27.13 5.57
N GLY B 100 2.64 -27.60 6.84
CA GLY B 100 3.10 -28.96 7.09
C GLY B 100 2.04 -29.69 7.87
N SER B 101 2.30 -30.97 8.19
CA SER B 101 1.17 -31.77 8.80
C SER B 101 1.13 -31.51 10.26
N ALA B 102 2.11 -30.82 10.81
CA ALA B 102 1.93 -30.37 12.18
C ALA B 102 2.45 -28.96 12.33
N ASP B 103 2.06 -28.31 13.40
CA ASP B 103 2.37 -26.85 13.53
C ASP B 103 3.82 -26.52 13.66
N ASP B 104 4.68 -27.49 14.07
CA ASP B 104 6.08 -27.20 14.31
C ASP B 104 6.94 -26.93 13.15
N HIS B 105 6.49 -27.29 11.94
CA HIS B 105 7.29 -26.91 10.76
C HIS B 105 6.37 -26.94 9.58
N GLY B 106 6.76 -26.32 8.45
CA GLY B 106 5.72 -26.19 7.47
C GLY B 106 6.16 -25.05 6.55
N SER B 107 6.90 -24.07 7.06
CA SER B 107 7.41 -23.09 6.09
C SER B 107 8.38 -23.74 5.07
N GLU B 108 8.52 -23.06 3.91
CA GLU B 108 9.47 -23.51 2.92
C GLU B 108 10.83 -22.93 3.17
N HIS B 109 10.98 -21.63 3.27
CA HIS B 109 12.26 -21.00 3.75
C HIS B 109 12.45 -21.29 5.24
N ILE B 110 13.72 -21.43 5.64
CA ILE B 110 14.05 -21.72 7.05
C ILE B 110 15.17 -20.76 7.42
N VAL B 111 15.08 -20.04 8.53
CA VAL B 111 15.98 -18.93 8.80
C VAL B 111 16.80 -19.30 10.05
N ASP B 112 18.11 -19.47 9.86
CA ASP B 112 19.03 -19.88 11.01
C ASP B 112 18.39 -21.08 11.74
N GLY B 113 17.87 -22.03 10.96
CA GLY B 113 17.34 -23.27 11.50
C GLY B 113 15.93 -23.18 12.04
N VAL B 114 15.30 -21.98 12.05
CA VAL B 114 13.94 -21.79 12.53
C VAL B 114 12.89 -22.02 11.40
N SER B 115 11.97 -22.98 11.62
CA SER B 115 10.82 -23.15 10.73
C SER B 115 9.63 -22.47 11.34
N TYR B 116 8.75 -22.00 10.46
CA TYR B 116 7.48 -21.47 10.90
C TYR B 116 6.41 -22.49 10.54
N ALA B 117 5.17 -22.29 11.00
CA ALA B 117 4.14 -23.24 10.76
C ALA B 117 3.72 -23.24 9.30
N ALA B 118 3.77 -22.07 8.63
CA ALA B 118 3.28 -21.99 7.22
C ALA B 118 3.99 -20.78 6.59
N GLU B 119 3.75 -20.67 5.25
CA GLU B 119 4.42 -19.54 4.48
C GLU B 119 3.48 -19.22 3.30
N LEU B 120 3.18 -17.90 3.26
CA LEU B 120 2.34 -17.33 2.20
C LEU B 120 3.31 -16.89 1.07
N HIS B 121 2.85 -17.20 -0.14
CA HIS B 121 3.57 -16.71 -1.36
C HIS B 121 2.64 -15.82 -2.21
N VAL B 122 3.23 -14.64 -2.54
CA VAL B 122 2.53 -13.58 -3.35
C VAL B 122 3.30 -13.51 -4.67
N VAL B 123 2.68 -14.04 -5.70
CA VAL B 123 3.41 -14.22 -7.03
C VAL B 123 3.07 -13.05 -7.99
N HIS B 124 4.15 -12.51 -8.55
CA HIS B 124 4.01 -11.33 -9.44
C HIS B 124 4.86 -11.69 -10.67
N TRP B 125 4.51 -11.02 -11.83
CA TRP B 125 5.34 -11.24 -13.02
C TRP B 125 5.60 -9.94 -13.83
N ASN B 126 6.74 -9.97 -14.54
CA ASN B 126 7.23 -8.75 -15.20
C ASN B 126 6.55 -8.43 -16.51
N SER B 127 5.51 -7.62 -16.35
CA SER B 127 4.61 -7.29 -17.50
C SER B 127 5.31 -6.11 -18.24
N ASP B 128 6.36 -5.50 -17.70
CA ASP B 128 7.13 -4.53 -18.50
C ASP B 128 7.84 -5.17 -19.62
N LYS B 129 8.20 -6.44 -19.52
CA LYS B 129 8.98 -7.12 -20.54
C LYS B 129 8.32 -8.29 -21.22
N TYR B 130 7.40 -8.99 -20.56
CA TYR B 130 6.84 -10.20 -21.13
C TYR B 130 5.37 -10.11 -21.31
N PRO B 131 4.85 -10.93 -22.22
CA PRO B 131 3.48 -10.71 -22.69
C PRO B 131 2.44 -11.40 -21.78
N SER B 132 2.92 -12.37 -20.93
CA SER B 132 1.96 -13.14 -20.15
C SER B 132 2.77 -13.74 -18.99
N PHE B 133 2.01 -14.15 -17.98
CA PHE B 133 2.63 -14.85 -16.84
C PHE B 133 3.38 -16.10 -17.28
N VAL B 134 2.76 -16.87 -18.16
CA VAL B 134 3.39 -18.12 -18.63
C VAL B 134 4.73 -17.91 -19.30
N GLU B 135 4.80 -16.85 -20.12
CA GLU B 135 6.08 -16.51 -20.70
C GLU B 135 7.14 -15.98 -19.70
N ALA B 136 6.72 -15.12 -18.78
CA ALA B 136 7.59 -14.57 -17.76
C ALA B 136 8.18 -15.73 -16.86
N ALA B 137 7.36 -16.75 -16.64
CA ALA B 137 7.80 -17.87 -15.76
C ALA B 137 9.00 -18.59 -16.35
N HIS B 138 9.35 -18.40 -17.62
CA HIS B 138 10.53 -19.01 -18.24
C HIS B 138 11.73 -18.08 -18.42
N GLU B 139 11.76 -16.94 -17.74
CA GLU B 139 12.84 -16.00 -17.92
C GLU B 139 13.46 -15.67 -16.58
N PRO B 140 14.76 -15.45 -16.48
CA PRO B 140 15.35 -15.20 -15.19
C PRO B 140 14.82 -14.07 -14.40
N ASP B 141 14.41 -13.01 -15.07
CA ASP B 141 13.92 -11.78 -14.44
C ASP B 141 12.36 -11.79 -14.60
N GLY B 142 11.75 -12.98 -14.85
CA GLY B 142 10.32 -13.03 -15.13
C GLY B 142 9.41 -12.76 -13.90
N LEU B 143 9.73 -13.45 -12.80
CA LEU B 143 8.85 -13.50 -11.62
C LEU B 143 9.43 -12.86 -10.39
N ALA B 144 8.56 -12.40 -9.50
CA ALA B 144 8.98 -11.82 -8.19
C ALA B 144 8.00 -12.38 -7.19
N VAL B 145 8.51 -13.01 -6.12
CA VAL B 145 7.58 -13.64 -5.15
C VAL B 145 7.87 -13.06 -3.80
N LEU B 146 6.84 -12.58 -3.10
CA LEU B 146 6.96 -12.19 -1.68
C LEU B 146 6.62 -13.42 -0.86
N GLY B 147 7.52 -13.70 0.08
CA GLY B 147 7.28 -14.81 1.08
C GLY B 147 7.02 -14.23 2.48
N VAL B 148 5.93 -14.72 3.11
CA VAL B 148 5.53 -14.26 4.43
C VAL B 148 5.40 -15.50 5.30
N PHE B 149 6.19 -15.41 6.40
CA PHE B 149 6.07 -16.57 7.38
C PHE B 149 4.88 -16.41 8.26
N LEU B 150 4.28 -17.54 8.58
CA LEU B 150 3.13 -17.56 9.55
C LEU B 150 3.67 -18.37 10.76
N GLN B 151 3.53 -17.73 11.92
CA GLN B 151 3.88 -18.38 13.20
C GLN B 151 2.66 -18.67 14.01
N ILE B 152 2.62 -19.80 14.73
CA ILE B 152 1.46 -20.01 15.60
C ILE B 152 1.38 -18.90 16.64
N GLY B 153 0.16 -18.36 16.79
CA GLY B 153 -0.05 -17.19 17.68
C GLY B 153 -1.57 -16.98 17.82
N GLU B 154 -1.92 -15.77 18.18
CA GLU B 154 -3.37 -15.54 18.30
C GLU B 154 -4.00 -15.49 16.91
N PRO B 155 -5.29 -15.86 16.77
CA PRO B 155 -5.84 -16.06 15.43
C PRO B 155 -5.74 -14.71 14.68
N ASN B 156 -5.66 -14.83 13.36
CA ASN B 156 -5.50 -13.69 12.49
C ASN B 156 -6.80 -13.41 11.75
N SER B 157 -7.45 -12.29 12.13
CA SER B 157 -8.77 -11.90 11.56
C SER B 157 -8.61 -11.67 10.06
N GLN B 158 -7.37 -11.40 9.60
CA GLN B 158 -7.19 -11.17 8.16
C GLN B 158 -7.24 -12.43 7.30
N LEU B 159 -7.19 -13.64 7.92
CA LEU B 159 -7.41 -14.85 7.17
C LEU B 159 -8.88 -15.23 7.02
N GLN B 160 -9.84 -14.54 7.69
CA GLN B 160 -11.25 -14.99 7.59
C GLN B 160 -11.78 -15.09 6.17
N LYS B 161 -11.47 -14.11 5.30
CA LYS B 161 -12.11 -14.22 4.00
C LYS B 161 -11.68 -15.49 3.31
N ILE B 162 -10.40 -15.84 3.44
CA ILE B 162 -9.95 -17.14 2.95
C ILE B 162 -10.58 -18.42 3.60
N THR B 163 -10.45 -18.43 4.91
CA THR B 163 -10.91 -19.65 5.59
C THR B 163 -12.39 -19.91 5.44
N ASP B 164 -13.18 -18.82 5.34
CA ASP B 164 -14.65 -19.00 5.10
C ASP B 164 -14.96 -19.71 3.77
N THR B 165 -14.00 -19.72 2.83
CA THR B 165 -14.29 -20.32 1.53
C THR B 165 -13.84 -21.78 1.42
N LEU B 166 -13.15 -22.35 2.45
CA LEU B 166 -12.47 -23.60 2.20
C LEU B 166 -13.38 -24.78 2.07
N ASP B 167 -14.50 -24.77 2.81
CA ASP B 167 -15.47 -25.88 2.58
C ASP B 167 -15.98 -25.86 1.14
N SER B 168 -16.15 -24.66 0.56
CA SER B 168 -16.62 -24.49 -0.83
C SER B 168 -15.63 -24.97 -1.85
N ILE B 169 -14.35 -25.05 -1.47
CA ILE B 169 -13.35 -25.54 -2.42
C ILE B 169 -12.65 -26.79 -1.90
N LYS B 170 -13.40 -27.63 -1.18
CA LYS B 170 -12.74 -28.81 -0.61
C LYS B 170 -12.07 -29.74 -1.62
N GLU B 171 -12.70 -29.97 -2.77
CA GLU B 171 -12.19 -30.89 -3.78
C GLU B 171 -11.30 -30.18 -4.78
N LYS B 172 -10.29 -30.89 -5.23
CA LYS B 172 -9.43 -30.39 -6.34
C LYS B 172 -10.34 -29.93 -7.53
N GLY B 173 -10.02 -28.74 -8.02
CA GLY B 173 -10.70 -28.14 -9.18
C GLY B 173 -11.85 -27.21 -8.84
N LYS B 174 -12.38 -27.21 -7.61
CA LYS B 174 -13.46 -26.31 -7.25
C LYS B 174 -12.91 -24.92 -7.19
N GLN B 175 -13.78 -23.98 -7.56
CA GLN B 175 -13.49 -22.54 -7.42
C GLN B 175 -14.71 -21.78 -6.95
N THR B 176 -14.46 -20.59 -6.42
CA THR B 176 -15.52 -19.77 -5.83
C THR B 176 -15.10 -18.31 -6.14
N ARG B 177 -16.08 -17.48 -6.36
N ARG B 177 -16.08 -17.45 -6.41
CA ARG B 177 -15.85 -16.06 -6.55
CA ARG B 177 -15.80 -16.01 -6.61
C ARG B 177 -15.15 -15.39 -5.35
C ARG B 177 -15.03 -15.53 -5.39
N PHE B 178 -14.10 -14.58 -5.60
CA PHE B 178 -13.32 -14.09 -4.47
C PHE B 178 -12.75 -12.74 -4.81
N THR B 179 -13.47 -11.69 -4.43
CA THR B 179 -12.98 -10.33 -4.75
C THR B 179 -13.07 -9.44 -3.51
N ASN B 180 -12.58 -8.21 -3.67
N ASN B 180 -12.59 -8.19 -3.59
CA ASN B 180 -12.55 -7.28 -2.58
CA ASN B 180 -12.55 -7.24 -2.42
C ASN B 180 -11.80 -7.99 -1.44
C ASN B 180 -11.65 -7.79 -1.31
N PHE B 181 -10.57 -8.40 -1.78
CA PHE B 181 -9.67 -9.11 -0.84
C PHE B 181 -8.58 -8.15 -0.36
N ASP B 182 -8.43 -7.97 0.93
CA ASP B 182 -7.43 -7.04 1.48
C ASP B 182 -6.14 -7.80 1.74
N LEU B 183 -5.33 -7.90 0.70
CA LEU B 183 -4.07 -8.65 0.79
C LEU B 183 -3.05 -7.84 1.61
N LEU B 184 -3.05 -6.54 1.45
CA LEU B 184 -2.09 -5.72 2.08
C LEU B 184 -2.08 -5.93 3.60
N SER B 185 -3.26 -6.16 4.22
N SER B 185 -3.26 -6.14 4.23
CA SER B 185 -3.36 -6.37 5.65
CA SER B 185 -3.35 -6.36 5.66
C SER B 185 -2.93 -7.76 6.10
C SER B 185 -2.84 -7.72 6.10
N LEU B 186 -2.58 -8.63 5.15
CA LEU B 186 -1.93 -9.93 5.48
C LEU B 186 -0.40 -9.86 5.49
N LEU B 187 0.15 -8.69 5.23
CA LEU B 187 1.53 -8.50 5.34
C LEU B 187 1.86 -7.94 6.77
N PRO B 188 3.02 -8.32 7.31
CA PRO B 188 3.43 -7.86 8.62
C PRO B 188 3.69 -6.34 8.65
N PRO B 189 3.76 -5.70 9.81
CA PRO B 189 3.97 -4.23 9.79
C PRO B 189 5.36 -3.88 9.20
N SER B 190 6.41 -4.65 9.47
CA SER B 190 7.72 -4.39 8.88
C SER B 190 7.86 -5.21 7.64
N TRP B 191 8.34 -4.56 6.58
CA TRP B 191 8.63 -5.21 5.37
C TRP B 191 10.08 -5.38 5.11
N ASP B 192 10.91 -5.37 6.17
CA ASP B 192 12.29 -5.75 5.98
C ASP B 192 12.37 -7.20 5.37
N TYR B 193 13.33 -7.43 4.48
CA TYR B 193 13.38 -8.68 3.72
C TYR B 193 14.75 -9.14 3.35
N TRP B 194 14.83 -10.43 2.96
CA TRP B 194 15.95 -11.00 2.31
C TRP B 194 15.59 -11.29 0.85
N THR B 195 16.60 -11.21 -0.02
CA THR B 195 16.35 -11.46 -1.45
C THR B 195 17.47 -12.24 -2.04
N TYR B 196 17.12 -13.10 -2.98
CA TYR B 196 18.02 -13.97 -3.67
C TYR B 196 17.36 -14.51 -4.96
N PRO B 197 18.14 -14.97 -5.92
CA PRO B 197 17.62 -15.56 -7.17
C PRO B 197 17.32 -17.00 -6.97
N GLY B 198 16.09 -17.38 -7.32
CA GLY B 198 15.70 -18.76 -7.20
C GLY B 198 14.63 -19.20 -8.15
N SER B 199 13.75 -20.06 -7.64
CA SER B 199 12.88 -20.78 -8.53
C SER B 199 11.46 -20.94 -7.99
N LEU B 200 10.58 -21.42 -8.82
CA LEU B 200 9.30 -21.89 -8.25
C LEU B 200 9.60 -23.03 -7.30
N THR B 201 8.75 -23.14 -6.28
CA THR B 201 9.00 -24.26 -5.28
C THR B 201 8.11 -25.44 -5.58
N VAL B 202 7.39 -25.42 -6.70
CA VAL B 202 6.62 -26.55 -7.21
C VAL B 202 7.01 -26.82 -8.61
N PRO B 203 6.85 -28.03 -9.10
CA PRO B 203 6.97 -28.30 -10.56
C PRO B 203 6.16 -27.28 -11.30
N PRO B 204 6.75 -26.67 -12.36
CA PRO B 204 7.92 -27.11 -13.10
C PRO B 204 9.24 -26.58 -12.53
N LEU B 205 9.21 -25.91 -11.36
CA LEU B 205 10.51 -25.60 -10.68
C LEU B 205 11.44 -24.64 -11.47
N LEU B 206 10.77 -23.82 -12.28
CA LEU B 206 11.62 -22.94 -13.15
C LEU B 206 12.40 -21.93 -12.39
N GLU B 207 13.62 -21.65 -12.88
CA GLU B 207 14.52 -20.70 -12.20
C GLU B 207 14.30 -19.32 -12.77
N SER B 208 13.18 -18.72 -12.40
CA SER B 208 12.78 -17.38 -12.87
C SER B 208 12.29 -16.47 -11.77
N VAL B 209 12.62 -16.78 -10.49
CA VAL B 209 12.08 -15.96 -9.42
C VAL B 209 13.09 -15.12 -8.71
N THR B 210 12.78 -13.86 -8.52
CA THR B 210 13.48 -13.07 -7.51
C THR B 210 12.69 -13.17 -6.27
N TRP B 211 13.22 -13.87 -5.27
CA TRP B 211 12.56 -14.00 -3.97
C TRP B 211 12.81 -12.83 -3.09
N ILE B 212 11.72 -12.41 -2.45
CA ILE B 212 11.70 -11.38 -1.47
C ILE B 212 11.01 -11.97 -0.26
N VAL B 213 11.87 -12.39 0.73
CA VAL B 213 11.30 -13.14 1.89
C VAL B 213 11.31 -12.19 3.07
N LEU B 214 10.10 -11.88 3.59
CA LEU B 214 10.01 -10.89 4.70
C LEU B 214 10.44 -11.54 6.06
N LYS B 215 11.16 -10.73 6.83
CA LYS B 215 11.69 -11.24 8.13
C LYS B 215 10.62 -11.43 9.18
N GLN B 216 9.66 -10.53 9.27
CA GLN B 216 8.72 -10.57 10.37
C GLN B 216 7.56 -11.47 10.05
N PRO B 217 7.23 -12.48 10.85
CA PRO B 217 6.08 -13.37 10.58
C PRO B 217 4.77 -12.70 10.91
N ILE B 218 3.69 -13.25 10.40
CA ILE B 218 2.37 -12.88 10.85
C ILE B 218 1.85 -14.05 11.68
N ASN B 219 0.76 -13.87 12.40
CA ASN B 219 0.23 -14.98 13.20
C ASN B 219 -0.82 -15.78 12.51
N ILE B 220 -1.05 -17.00 13.01
CA ILE B 220 -2.12 -17.88 12.60
C ILE B 220 -2.40 -18.73 13.85
N SER B 221 -3.68 -19.08 14.11
CA SER B 221 -3.81 -20.00 15.25
C SER B 221 -3.75 -21.43 14.70
N SER B 222 -3.57 -22.37 15.63
N SER B 222 -3.57 -22.35 15.65
CA SER B 222 -3.64 -23.78 15.27
CA SER B 222 -3.61 -23.72 15.28
C SER B 222 -4.96 -24.18 14.66
C SER B 222 -4.94 -24.15 14.67
N GLN B 223 -6.09 -23.66 15.20
CA GLN B 223 -7.34 -24.02 14.68
C GLN B 223 -7.55 -23.48 13.20
N GLN B 224 -7.04 -22.27 13.03
CA GLN B 224 -7.07 -21.77 11.63
C GLN B 224 -6.25 -22.59 10.68
N LEU B 225 -5.01 -22.87 11.12
CA LEU B 225 -4.12 -23.67 10.23
C LEU B 225 -4.67 -25.02 9.88
N ALA B 226 -5.27 -25.68 10.88
CA ALA B 226 -5.82 -26.96 10.66
C ALA B 226 -6.88 -27.06 9.58
N LYS B 227 -7.54 -25.90 9.34
CA LYS B 227 -8.58 -25.89 8.29
C LYS B 227 -8.01 -26.12 6.88
N PHE B 228 -6.78 -25.63 6.71
CA PHE B 228 -6.19 -25.78 5.36
C PHE B 228 -5.92 -27.21 5.08
N ARG B 229 -5.62 -27.96 6.17
CA ARG B 229 -5.31 -29.41 6.00
C ARG B 229 -6.47 -30.30 5.65
N SER B 230 -7.72 -29.80 5.75
N SER B 230 -7.68 -29.73 5.77
CA SER B 230 -8.90 -30.55 5.24
CA SER B 230 -8.91 -30.36 5.33
C SER B 230 -9.20 -30.38 3.75
C SER B 230 -9.25 -30.27 3.84
N LEU B 231 -8.45 -29.48 3.08
CA LEU B 231 -8.56 -29.41 1.66
C LEU B 231 -8.12 -30.76 1.12
N LEU B 232 -8.70 -31.23 0.02
CA LEU B 232 -8.27 -32.50 -0.63
C LEU B 232 -7.33 -32.26 -1.77
N CYS B 233 -6.43 -33.18 -2.02
CA CYS B 233 -5.60 -33.15 -3.26
C CYS B 233 -6.26 -33.99 -4.34
N THR B 234 -7.45 -34.49 -4.06
CA THR B 234 -8.24 -35.29 -5.00
C THR B 234 -9.52 -34.55 -5.45
N ALA B 235 -9.98 -34.88 -6.68
CA ALA B 235 -11.21 -34.34 -7.22
C ALA B 235 -12.49 -35.05 -6.69
N GLU B 236 -13.63 -34.39 -6.87
CA GLU B 236 -14.93 -35.02 -6.62
C GLU B 236 -15.02 -36.43 -7.22
N GLY B 237 -15.59 -37.35 -6.43
CA GLY B 237 -15.85 -38.73 -6.87
C GLY B 237 -14.62 -39.63 -6.94
N GLU B 238 -13.51 -39.15 -6.43
CA GLU B 238 -12.29 -39.92 -6.30
C GLU B 238 -12.22 -40.27 -4.83
N ALA B 239 -11.61 -41.40 -4.50
CA ALA B 239 -11.19 -41.73 -3.12
C ALA B 239 -10.43 -40.53 -2.51
N ALA B 240 -10.89 -40.05 -1.36
CA ALA B 240 -10.36 -38.80 -0.77
C ALA B 240 -8.91 -38.95 -0.25
N ALA B 241 -8.11 -37.93 -0.47
CA ALA B 241 -6.78 -37.82 0.13
C ALA B 241 -6.62 -36.40 0.49
N PHE B 242 -6.06 -36.15 1.68
CA PHE B 242 -6.05 -34.81 2.26
C PHE B 242 -4.71 -34.11 2.03
N LEU B 243 -4.75 -32.78 1.81
CA LEU B 243 -3.54 -32.01 1.58
C LEU B 243 -3.04 -31.58 2.97
N VAL B 244 -2.56 -32.59 3.71
CA VAL B 244 -2.10 -32.24 5.06
C VAL B 244 -0.74 -31.54 5.16
N SER B 245 0.05 -31.62 4.06
CA SER B 245 1.34 -31.03 4.00
C SER B 245 1.63 -30.73 2.49
N ASN B 246 2.23 -29.55 2.29
CA ASN B 246 2.48 -29.15 0.86
C ASN B 246 3.71 -28.25 0.83
N HIS B 247 4.79 -28.49 1.56
CA HIS B 247 5.96 -27.69 1.51
C HIS B 247 7.13 -28.47 1.00
N ARG B 248 7.96 -27.77 0.24
CA ARG B 248 9.21 -28.38 -0.27
C ARG B 248 10.34 -27.99 0.69
N PRO B 249 11.25 -28.96 0.99
CA PRO B 249 12.39 -28.64 1.84
C PRO B 249 13.36 -27.66 1.13
N PRO B 250 14.10 -26.91 1.92
CA PRO B 250 15.19 -26.09 1.35
C PRO B 250 16.14 -26.90 0.51
N GLN B 251 16.62 -26.25 -0.55
CA GLN B 251 17.63 -26.83 -1.43
C GLN B 251 18.91 -26.01 -1.26
N PRO B 252 20.03 -26.64 -1.68
CA PRO B 252 21.28 -25.96 -1.42
C PRO B 252 21.51 -24.65 -2.18
N LEU B 253 22.27 -23.75 -1.56
CA LEU B 253 22.50 -22.44 -2.15
C LEU B 253 23.34 -22.50 -3.40
N LYS B 254 24.29 -23.45 -3.47
CA LYS B 254 25.16 -23.63 -4.63
C LYS B 254 25.83 -22.30 -5.04
N GLY B 255 26.32 -21.55 -4.08
CA GLY B 255 27.15 -20.40 -4.46
C GLY B 255 26.39 -19.09 -4.58
N ARG B 256 25.03 -19.13 -4.47
CA ARG B 256 24.32 -17.85 -4.41
C ARG B 256 24.49 -17.16 -3.06
N LYS B 257 24.31 -15.86 -3.01
CA LYS B 257 24.36 -15.16 -1.75
C LYS B 257 22.97 -14.51 -1.61
N VAL B 258 22.59 -14.39 -0.38
CA VAL B 258 21.37 -13.75 -0.01
C VAL B 258 21.69 -12.33 0.45
N ARG B 259 20.93 -11.32 0.02
CA ARG B 259 21.14 -9.94 0.46
C ARG B 259 19.99 -9.52 1.43
N ALA B 260 20.25 -8.59 2.32
CA ALA B 260 19.25 -8.06 3.24
C ALA B 260 18.87 -6.62 2.90
N SER B 261 17.63 -6.25 3.12
CA SER B 261 17.18 -4.89 2.91
C SER B 261 17.47 -3.96 4.14
N PHE B 262 18.01 -4.56 5.23
CA PHE B 262 18.03 -3.91 6.53
C PHE B 262 19.40 -4.19 7.20
N HIS B 263 19.71 -3.29 8.15
CA HIS B 263 21.01 -3.22 8.82
C HIS B 263 21.08 -4.17 9.98
#